data_6RC5
#
_entry.id   6RC5
#
_cell.length_a   62.594
_cell.length_b   76.043
_cell.length_c   118.562
_cell.angle_alpha   90.000
_cell.angle_beta   90.000
_cell.angle_gamma   90.000
#
_symmetry.space_group_name_H-M   'I 2 2 2'
#
loop_
_entity.id
_entity.type
_entity.pdbx_description
1 polymer 'NAD kinase 1'
2 non-polymer 'CITRIC ACID'
3 non-polymer 9-ethyl-8-ethynyl-purin-6-amine
4 water water
#
_entity_poly.entity_id   1
_entity_poly.type   'polypeptide(L)'
_entity_poly.pdbx_seq_one_letter_code
;MKYMITSKGDEKSDLLRLNMIAGFGEYDMEYDDVEPEIVISIGGDGTFLSAFHQYEERLDEIAFIGIHTGHLGFYADWRP
AEADKLVKLLAKGEYQKVSYPLLKTTVKYGIGKKEATYLALNESTVKSSGGPFVVDVVINDIHFERFRGDGLCMSTPSGT
TAYNKSLGGALMHPSIEAMQLTEMASINNRVYRTIGSPLVFPKHHVVSLQPVNDKDFQISVDHLSILHRDVQEIRYEVSA
KKIHFARFRSFPFWRRVHDSFIEDLEHHHHHH
;
_entity_poly.pdbx_strand_id   A
#
loop_
_chem_comp.id
_chem_comp.type
_chem_comp.name
_chem_comp.formula
CIT non-polymer 'CITRIC ACID' 'C6 H8 O7'
JYB non-polymer 9-ethyl-8-ethynyl-purin-6-amine 'C9 H9 N5'
#
# COMPACT_ATOMS: atom_id res chain seq x y z
N MET A 1 0.20 18.12 -19.05
CA MET A 1 -1.07 17.42 -19.05
C MET A 1 -1.99 17.95 -17.96
N LYS A 2 -3.04 17.20 -17.66
CA LYS A 2 -3.84 17.45 -16.47
C LYS A 2 -3.12 16.93 -15.24
N TYR A 3 -3.27 17.64 -14.13
CA TYR A 3 -2.56 17.30 -12.90
C TYR A 3 -3.36 17.80 -11.70
N MET A 4 -3.01 17.29 -10.53
CA MET A 4 -3.57 17.79 -9.29
C MET A 4 -2.57 17.59 -8.18
N ILE A 5 -2.76 18.32 -7.07
CA ILE A 5 -1.83 18.27 -5.95
C ILE A 5 -2.65 18.18 -4.66
N THR A 6 -2.39 17.15 -3.86
CA THR A 6 -2.96 17.02 -2.53
C THR A 6 -1.91 17.42 -1.49
N SER A 7 -2.38 18.05 -0.41
CA SER A 7 -1.51 18.53 0.65
C SER A 7 -1.95 17.95 1.99
N LYS A 8 -0.96 17.72 2.88
CA LYS A 8 -1.26 17.23 4.21
C LYS A 8 -2.16 18.19 4.98
N GLY A 9 -2.10 19.49 4.66
CA GLY A 9 -2.95 20.49 5.26
C GLY A 9 -2.24 21.51 6.10
N ASP A 10 -1.06 21.19 6.64
CA ASP A 10 -0.28 22.18 7.35
C ASP A 10 0.18 23.27 6.40
N GLU A 11 0.59 24.40 6.97
CA GLU A 11 0.92 25.54 6.13
C GLU A 11 2.20 25.32 5.32
N LYS A 12 3.08 24.42 5.75
CA LYS A 12 4.26 24.11 4.94
C LYS A 12 3.86 23.46 3.62
N SER A 13 2.94 22.49 3.69
CA SER A 13 2.55 21.76 2.49
C SER A 13 1.59 22.53 1.61
N ASP A 14 0.70 23.34 2.22
CA ASP A 14 -0.22 24.15 1.43
C ASP A 14 0.53 25.22 0.65
N LEU A 15 1.42 25.95 1.31
CA LEU A 15 2.20 26.98 0.63
C LEU A 15 3.10 26.38 -0.45
N LEU A 16 3.59 25.16 -0.24
CA LEU A 16 4.37 24.51 -1.29
C LEU A 16 3.48 24.13 -2.48
N ARG A 17 2.26 23.68 -2.20
CA ARG A 17 1.31 23.38 -3.27
C ARG A 17 1.00 24.62 -4.11
N LEU A 18 0.75 25.75 -3.46
CA LEU A 18 0.42 26.96 -4.20
C LEU A 18 1.58 27.40 -5.09
N ASN A 19 2.81 27.27 -4.62
CA ASN A 19 3.96 27.67 -5.43
C ASN A 19 4.14 26.76 -6.64
N MET A 20 3.90 25.45 -6.48
CA MET A 20 3.98 24.53 -7.61
C MET A 20 2.89 24.80 -8.63
N ILE A 21 1.67 25.06 -8.17
CA ILE A 21 0.59 25.44 -9.08
C ILE A 21 0.97 26.69 -9.85
N ALA A 22 1.47 27.72 -9.14
CA ALA A 22 1.92 28.93 -9.82
C ALA A 22 3.04 28.63 -10.79
N GLY A 23 3.98 27.77 -10.40
CA GLY A 23 5.03 27.36 -11.32
C GLY A 23 4.49 26.60 -12.52
N PHE A 24 3.49 25.73 -12.27
CA PHE A 24 2.85 25.02 -13.38
C PHE A 24 2.11 25.97 -14.30
N GLY A 25 1.65 27.11 -13.79
CA GLY A 25 0.96 28.08 -14.63
C GLY A 25 1.81 28.67 -15.74
N GLU A 26 3.13 28.44 -15.72
CA GLU A 26 4.03 28.91 -16.76
C GLU A 26 4.26 27.85 -17.84
N TYR A 27 3.48 26.77 -17.84
CA TYR A 27 3.65 25.69 -18.79
C TYR A 27 2.27 25.26 -19.32
N ASP A 28 2.29 24.35 -20.29
CA ASP A 28 1.06 23.79 -20.86
C ASP A 28 0.54 22.70 -19.92
N MET A 29 0.07 23.14 -18.76
CA MET A 29 -0.49 22.26 -17.75
C MET A 29 -1.86 22.77 -17.34
N GLU A 30 -2.75 21.83 -17.02
CA GLU A 30 -4.11 22.13 -16.62
C GLU A 30 -4.37 21.48 -15.27
N TYR A 31 -4.90 22.26 -14.32
CA TYR A 31 -5.27 21.68 -13.02
C TYR A 31 -6.62 21.01 -13.14
N ASP A 32 -6.65 19.70 -12.88
CA ASP A 32 -7.89 18.93 -12.94
C ASP A 32 -7.77 17.80 -11.92
N ASP A 33 -8.58 17.84 -10.87
CA ASP A 33 -8.60 16.78 -9.88
C ASP A 33 -9.70 15.75 -10.14
N VAL A 34 -10.31 15.79 -11.32
CA VAL A 34 -11.30 14.78 -11.72
C VAL A 34 -10.66 13.71 -12.59
N GLU A 35 -9.98 14.12 -13.67
CA GLU A 35 -9.28 13.19 -14.56
C GLU A 35 -7.83 13.65 -14.77
N PRO A 36 -7.03 13.68 -13.72
CA PRO A 36 -5.62 14.05 -13.90
C PRO A 36 -4.81 12.91 -14.48
N GLU A 37 -3.67 13.26 -15.06
CA GLU A 37 -2.69 12.28 -15.49
C GLU A 37 -1.44 12.29 -14.62
N ILE A 38 -1.29 13.29 -13.76
CA ILE A 38 -0.20 13.39 -12.79
C ILE A 38 -0.81 13.75 -11.45
N VAL A 39 -0.49 12.97 -10.42
CA VAL A 39 -0.98 13.23 -9.07
C VAL A 39 0.22 13.48 -8.18
N ILE A 40 0.29 14.68 -7.61
CA ILE A 40 1.40 15.09 -6.74
C ILE A 40 0.90 15.10 -5.31
N SER A 41 1.65 14.42 -4.43
CA SER A 41 1.34 14.35 -3.01
C SER A 41 2.39 15.12 -2.24
N ILE A 42 1.96 16.02 -1.37
CA ILE A 42 2.87 16.84 -0.57
C ILE A 42 2.53 16.60 0.90
N GLY A 43 3.43 15.94 1.61
CA GLY A 43 3.24 15.68 3.02
C GLY A 43 4.08 14.52 3.49
N GLY A 44 3.45 13.38 3.76
CA GLY A 44 4.15 12.17 4.12
C GLY A 44 3.60 10.99 3.36
N ASP A 45 3.99 9.78 3.76
CA ASP A 45 3.47 8.59 3.08
C ASP A 45 1.98 8.44 3.31
N GLY A 46 1.47 8.92 4.45
CA GLY A 46 0.03 8.89 4.68
C GLY A 46 -0.72 9.78 3.71
N THR A 47 -0.17 10.96 3.42
CA THR A 47 -0.77 11.82 2.41
C THR A 47 -0.76 11.13 1.05
N PHE A 48 0.33 10.41 0.75
CA PHE A 48 0.41 9.69 -0.52
C PHE A 48 -0.61 8.56 -0.59
N LEU A 49 -0.83 7.86 0.52
CA LEU A 49 -1.80 6.77 0.53
C LEU A 49 -3.21 7.27 0.24
N SER A 50 -3.58 8.41 0.79
CA SER A 50 -4.88 8.99 0.51
C SER A 50 -5.00 9.38 -0.96
N ALA A 51 -3.92 9.93 -1.53
CA ALA A 51 -3.94 10.28 -2.95
C ALA A 51 -4.09 9.03 -3.81
N PHE A 52 -3.39 7.95 -3.45
CA PHE A 52 -3.53 6.70 -4.19
C PHE A 52 -4.96 6.18 -4.15
N HIS A 53 -5.57 6.17 -2.95
CA HIS A 53 -6.92 5.64 -2.81
C HIS A 53 -7.96 6.59 -3.37
N GLN A 54 -7.67 7.88 -3.43
CA GLN A 54 -8.62 8.82 -4.04
C GLN A 54 -8.81 8.53 -5.52
N TYR A 55 -7.80 7.97 -6.18
CA TYR A 55 -7.81 7.76 -7.62
C TYR A 55 -7.57 6.30 -8.00
N GLU A 56 -7.94 5.36 -7.13
CA GLU A 56 -7.58 3.98 -7.40
C GLU A 56 -8.36 3.36 -8.55
N GLU A 57 -9.29 4.08 -9.18
CA GLU A 57 -9.99 3.59 -10.35
C GLU A 57 -9.43 4.15 -11.65
N ARG A 58 -8.40 4.97 -11.59
CA ARG A 58 -7.72 5.50 -12.76
C ARG A 58 -6.22 5.25 -12.66
N LEU A 59 -5.85 4.08 -12.11
CA LEU A 59 -4.45 3.82 -11.80
C LEU A 59 -3.60 3.69 -13.05
N ASP A 60 -4.17 3.14 -14.13
CA ASP A 60 -3.40 2.93 -15.35
C ASP A 60 -3.27 4.21 -16.18
N GLU A 61 -3.92 5.29 -15.77
CA GLU A 61 -3.87 6.56 -16.48
C GLU A 61 -3.17 7.65 -15.68
N ILE A 62 -2.50 7.30 -14.59
CA ILE A 62 -1.92 8.27 -13.66
C ILE A 62 -0.50 7.84 -13.31
N ALA A 63 0.40 8.82 -13.24
CA ALA A 63 1.74 8.64 -12.66
C ALA A 63 1.81 9.45 -11.38
N PHE A 64 2.11 8.78 -10.27
CA PHE A 64 2.14 9.42 -8.96
C PHE A 64 3.53 9.96 -8.66
N ILE A 65 3.57 11.03 -7.86
CA ILE A 65 4.82 11.57 -7.36
C ILE A 65 4.58 12.08 -5.95
N GLY A 66 5.56 11.87 -5.06
CA GLY A 66 5.39 12.30 -3.68
C GLY A 66 6.49 13.23 -3.18
N ILE A 67 6.12 14.26 -2.44
CA ILE A 67 7.05 15.20 -1.82
C ILE A 67 6.86 15.12 -0.31
N HIS A 68 7.96 14.89 0.42
CA HIS A 68 7.89 14.79 1.87
C HIS A 68 8.27 16.13 2.48
N THR A 69 7.33 16.73 3.22
CA THR A 69 7.62 17.93 3.97
C THR A 69 8.12 17.63 5.38
N GLY A 70 7.84 16.43 5.89
CA GLY A 70 8.45 15.98 7.12
C GLY A 70 9.64 15.08 6.84
N HIS A 71 9.70 13.94 7.53
CA HIS A 71 10.80 13.02 7.30
C HIS A 71 10.65 12.31 5.96
N LEU A 72 11.74 11.69 5.51
CA LEU A 72 11.74 10.96 4.25
C LEU A 72 10.71 9.84 4.29
N GLY A 73 9.91 9.73 3.24
CA GLY A 73 8.98 8.64 3.07
C GLY A 73 9.42 7.71 1.95
N PHE A 74 8.86 6.50 1.96
CA PHE A 74 9.13 5.53 0.91
C PHE A 74 8.37 5.82 -0.36
N TYR A 75 7.25 6.53 -0.29
CA TYR A 75 6.55 6.99 -1.48
C TYR A 75 6.79 8.47 -1.74
N ALA A 76 6.72 9.30 -0.71
CA ALA A 76 7.06 10.72 -0.81
C ALA A 76 8.56 10.83 -0.58
N ASP A 77 9.32 10.58 -1.64
CA ASP A 77 10.78 10.45 -1.55
C ASP A 77 11.53 11.60 -2.23
N TRP A 78 10.89 12.74 -2.45
CA TRP A 78 11.58 13.91 -2.98
C TRP A 78 11.37 15.08 -2.03
N ARG A 79 12.44 15.86 -1.83
CA ARG A 79 12.46 16.93 -0.83
C ARG A 79 11.81 18.21 -1.38
N PRO A 80 11.31 19.07 -0.49
CA PRO A 80 10.61 20.29 -0.97
C PRO A 80 11.49 21.22 -1.78
N ALA A 81 12.80 21.25 -1.53
CA ALA A 81 13.69 22.13 -2.27
C ALA A 81 13.76 21.75 -3.74
N GLU A 82 13.37 20.54 -4.10
CA GLU A 82 13.40 20.09 -5.49
C GLU A 82 12.09 20.37 -6.23
N ALA A 83 11.18 21.12 -5.62
CA ALA A 83 9.86 21.32 -6.22
C ALA A 83 9.94 22.06 -7.54
N ASP A 84 10.75 23.12 -7.59
CA ASP A 84 10.90 23.88 -8.84
C ASP A 84 11.45 23.00 -9.95
N LYS A 85 12.51 22.24 -9.66
CA LYS A 85 13.04 21.31 -10.64
C LYS A 85 12.02 20.23 -10.99
N LEU A 86 11.18 19.84 -10.02
CA LEU A 86 10.14 18.86 -10.28
C LEU A 86 9.08 19.42 -11.21
N VAL A 87 8.70 20.68 -11.03
CA VAL A 87 7.69 21.30 -11.88
C VAL A 87 8.15 21.33 -13.32
N LYS A 88 9.40 21.76 -13.55
CA LYS A 88 9.88 21.91 -14.92
C LYS A 88 9.95 20.57 -15.65
N LEU A 89 10.38 19.52 -14.95
CA LEU A 89 10.55 18.23 -15.63
C LEU A 89 9.23 17.52 -15.85
N LEU A 90 8.27 17.66 -14.93
CA LEU A 90 6.93 17.11 -15.17
C LEU A 90 6.25 17.81 -16.34
N ALA A 91 6.46 19.12 -16.47
CA ALA A 91 5.80 19.87 -17.54
C ALA A 91 6.36 19.49 -18.90
N LYS A 92 7.68 19.41 -19.02
CA LYS A 92 8.30 18.92 -20.24
C LYS A 92 7.89 17.49 -20.57
N GLY A 93 7.50 16.71 -19.55
CA GLY A 93 7.09 15.34 -19.79
C GLY A 93 8.28 14.45 -20.14
N GLU A 94 7.98 13.40 -20.91
CA GLU A 94 8.99 12.48 -21.44
C GLU A 94 9.79 11.79 -20.34
N TYR A 95 9.22 11.69 -19.14
CA TYR A 95 9.84 10.97 -18.04
C TYR A 95 9.58 9.47 -18.17
N GLN A 96 10.37 8.69 -17.44
CA GLN A 96 10.14 7.25 -17.35
C GLN A 96 9.24 6.96 -16.16
N LYS A 97 8.49 5.86 -16.27
CA LYS A 97 7.56 5.44 -15.23
C LYS A 97 7.98 4.10 -14.67
N VAL A 98 7.78 3.92 -13.36
CA VAL A 98 8.04 2.66 -12.70
C VAL A 98 6.75 2.19 -12.04
N SER A 99 6.59 0.87 -11.97
CA SER A 99 5.36 0.26 -11.47
C SER A 99 5.66 -0.68 -10.31
N TYR A 100 4.83 -0.59 -9.27
CA TYR A 100 4.87 -1.45 -8.09
C TYR A 100 3.63 -2.33 -8.04
N PRO A 101 3.77 -3.58 -7.56
CA PRO A 101 2.60 -4.46 -7.45
C PRO A 101 1.67 -4.01 -6.34
N LEU A 102 0.42 -4.46 -6.44
CA LEU A 102 -0.60 -4.13 -5.46
C LEU A 102 -1.27 -5.42 -4.99
N LEU A 103 -1.95 -5.32 -3.85
CA LEU A 103 -2.62 -6.45 -3.22
C LEU A 103 -4.13 -6.31 -3.37
N LYS A 104 -4.79 -7.39 -3.77
CA LYS A 104 -6.23 -7.43 -3.93
C LYS A 104 -6.83 -8.24 -2.78
N THR A 105 -7.76 -7.63 -2.05
CA THR A 105 -8.47 -8.29 -0.96
C THR A 105 -9.92 -8.46 -1.34
N THR A 106 -10.44 -9.68 -1.21
CA THR A 106 -11.84 -9.96 -1.49
C THR A 106 -12.50 -10.45 -0.21
N VAL A 107 -13.62 -9.83 0.15
CA VAL A 107 -14.40 -10.19 1.33
C VAL A 107 -15.77 -10.64 0.87
N LYS A 108 -16.12 -11.89 1.18
CA LYS A 108 -17.40 -12.45 0.79
C LYS A 108 -18.30 -12.60 1.99
N TYR A 109 -19.61 -12.43 1.77
CA TYR A 109 -20.60 -12.54 2.83
C TYR A 109 -21.70 -13.51 2.44
N GLY A 110 -22.75 -13.58 3.24
CA GLY A 110 -23.92 -14.38 2.92
C GLY A 110 -25.08 -13.53 2.45
N LYS A 114 -23.07 -9.64 -2.41
CA LYS A 114 -22.30 -9.36 -1.20
C LYS A 114 -20.89 -9.94 -1.29
N GLU A 115 -20.06 -9.19 -2.03
CA GLU A 115 -18.63 -9.45 -2.15
C GLU A 115 -17.96 -8.10 -2.35
N ALA A 116 -16.99 -7.79 -1.48
CA ALA A 116 -16.33 -6.48 -1.50
C ALA A 116 -14.84 -6.68 -1.80
N THR A 117 -14.34 -5.92 -2.77
CA THR A 117 -12.95 -5.98 -3.18
C THR A 117 -12.25 -4.66 -2.85
N TYR A 118 -11.00 -4.76 -2.37
CA TYR A 118 -10.22 -3.60 -2.01
C TYR A 118 -8.82 -3.72 -2.58
N LEU A 119 -8.21 -2.58 -2.85
CA LEU A 119 -6.84 -2.51 -3.35
C LEU A 119 -5.96 -1.90 -2.27
N ALA A 120 -4.84 -2.55 -1.98
CA ALA A 120 -3.92 -2.07 -0.95
C ALA A 120 -2.56 -1.76 -1.56
N LEU A 121 -1.99 -0.63 -1.17
CA LEU A 121 -0.62 -0.28 -1.54
C LEU A 121 0.39 -0.76 -0.52
N ASN A 122 0.04 -0.74 0.76
CA ASN A 122 0.91 -1.25 1.82
C ASN A 122 0.53 -2.66 2.23
N GLU A 123 -0.59 -2.84 2.91
CA GLU A 123 -0.94 -4.15 3.44
C GLU A 123 -2.43 -4.19 3.79
N SER A 124 -2.91 -5.41 4.05
CA SER A 124 -4.25 -5.64 4.57
C SER A 124 -4.15 -6.58 5.75
N THR A 125 -4.77 -6.22 6.87
CA THR A 125 -4.68 -7.02 8.08
C THR A 125 -6.06 -7.50 8.49
N VAL A 126 -6.09 -8.59 9.24
CA VAL A 126 -7.34 -9.16 9.76
C VAL A 126 -7.14 -9.43 11.24
N LYS A 127 -8.05 -8.90 12.06
CA LYS A 127 -8.10 -9.19 13.48
C LYS A 127 -9.54 -9.51 13.85
N SER A 128 -9.74 -10.03 15.05
CA SER A 128 -11.09 -10.32 15.51
C SER A 128 -11.78 -9.04 15.96
N SER A 129 -13.09 -9.14 16.15
CA SER A 129 -13.90 -8.03 16.62
C SER A 129 -13.95 -7.96 18.14
N GLY A 130 -13.10 -8.70 18.83
CA GLY A 130 -13.07 -8.67 20.29
C GLY A 130 -12.55 -9.96 20.90
N GLY A 131 -13.24 -11.07 20.64
CA GLY A 131 -12.88 -12.35 21.19
C GLY A 131 -11.64 -12.95 20.54
N PRO A 132 -11.52 -14.28 20.61
CA PRO A 132 -10.35 -14.93 20.04
C PRO A 132 -10.41 -14.98 18.52
N PHE A 133 -9.25 -14.76 17.89
CA PHE A 133 -9.14 -14.79 16.44
C PHE A 133 -8.66 -16.17 16.02
N VAL A 134 -9.51 -16.90 15.30
CA VAL A 134 -9.18 -18.22 14.77
C VAL A 134 -9.67 -18.27 13.33
N VAL A 135 -8.76 -18.54 12.40
CA VAL A 135 -9.14 -18.78 11.01
C VAL A 135 -8.38 -19.99 10.49
N ASP A 136 -8.98 -20.67 9.51
CA ASP A 136 -8.28 -21.68 8.73
C ASP A 136 -7.64 -20.99 7.53
N VAL A 137 -6.37 -21.30 7.29
CA VAL A 137 -5.60 -20.67 6.22
C VAL A 137 -5.52 -21.67 5.06
N VAL A 138 -6.05 -21.27 3.91
CA VAL A 138 -6.14 -22.14 2.74
C VAL A 138 -5.31 -21.51 1.63
N ILE A 139 -4.38 -22.28 1.08
CA ILE A 139 -3.47 -21.82 0.03
C ILE A 139 -3.76 -22.64 -1.22
N ASN A 140 -4.28 -22.00 -2.26
CA ASN A 140 -4.60 -22.65 -3.52
C ASN A 140 -5.44 -23.91 -3.28
N ASP A 141 -6.43 -23.77 -2.41
CA ASP A 141 -7.44 -24.77 -2.07
C ASP A 141 -6.95 -25.87 -1.13
N ILE A 142 -5.69 -25.87 -0.72
CA ILE A 142 -5.20 -26.85 0.26
C ILE A 142 -5.17 -26.20 1.63
N HIS A 143 -5.75 -26.87 2.63
CA HIS A 143 -5.78 -26.34 3.99
CA HIS A 143 -5.78 -26.34 3.98
C HIS A 143 -4.37 -26.40 4.57
N PHE A 144 -3.80 -25.23 4.82
CA PHE A 144 -2.41 -25.12 5.26
C PHE A 144 -2.26 -25.09 6.79
N GLU A 145 -3.10 -24.35 7.49
CA GLU A 145 -2.96 -24.26 8.94
C GLU A 145 -4.23 -23.68 9.54
N ARG A 146 -4.41 -23.89 10.84
CA ARG A 146 -5.42 -23.23 11.63
C ARG A 146 -4.72 -22.20 12.51
N PHE A 147 -4.87 -20.92 12.16
CA PHE A 147 -4.17 -19.86 12.87
C PHE A 147 -4.98 -19.38 14.08
N ARG A 148 -4.34 -19.38 15.24
CA ARG A 148 -4.89 -18.81 16.47
C ARG A 148 -3.92 -17.76 16.98
N GLY A 149 -4.41 -16.53 17.17
CA GLY A 149 -3.54 -15.45 17.62
C GLY A 149 -4.25 -14.11 17.53
N ASP A 150 -3.45 -13.06 17.37
CA ASP A 150 -4.01 -11.71 17.29
C ASP A 150 -4.53 -11.39 15.90
N GLY A 151 -3.84 -11.84 14.86
CA GLY A 151 -4.27 -11.52 13.52
C GLY A 151 -3.20 -11.87 12.50
N LEU A 152 -3.50 -11.55 11.25
CA LEU A 152 -2.63 -11.80 10.11
C LEU A 152 -2.46 -10.55 9.28
N CYS A 153 -1.35 -10.47 8.55
CA CYS A 153 -1.04 -9.30 7.73
C CYS A 153 -0.49 -9.76 6.39
N MET A 154 -1.12 -9.31 5.31
CA MET A 154 -0.65 -9.61 3.96
C MET A 154 -0.14 -8.31 3.34
N SER A 155 1.13 -8.30 2.95
CA SER A 155 1.80 -7.08 2.54
C SER A 155 2.19 -7.12 1.07
N THR A 156 2.18 -5.96 0.44
CA THR A 156 2.78 -5.78 -0.88
C THR A 156 4.29 -5.72 -0.73
N PRO A 157 5.04 -5.81 -1.83
CA PRO A 157 6.50 -5.58 -1.72
C PRO A 157 6.87 -4.22 -1.14
N SER A 158 6.31 -3.13 -1.66
CA SER A 158 6.63 -1.83 -1.09
C SER A 158 6.02 -1.64 0.29
N GLY A 159 4.99 -2.42 0.63
CA GLY A 159 4.49 -2.41 1.98
C GLY A 159 5.33 -3.16 2.99
N THR A 160 6.32 -3.93 2.53
CA THR A 160 7.11 -4.74 3.46
C THR A 160 7.91 -3.89 4.44
N THR A 161 8.21 -2.63 4.10
CA THR A 161 8.93 -1.75 5.02
C THR A 161 8.00 -1.11 6.06
N ALA A 162 6.71 -1.40 6.05
CA ALA A 162 5.75 -0.77 6.92
C ALA A 162 5.34 -1.77 8.01
N TYR A 163 4.06 -2.08 8.21
CA TYR A 163 3.65 -2.96 9.30
C TYR A 163 4.31 -4.32 9.19
N ASN A 164 4.50 -4.82 7.96
CA ASN A 164 5.16 -6.10 7.74
C ASN A 164 6.51 -6.17 8.45
N LYS A 165 7.28 -5.08 8.38
CA LYS A 165 8.60 -5.09 8.99
C LYS A 165 8.51 -5.23 10.50
N SER A 166 7.58 -4.51 11.12
CA SER A 166 7.40 -4.57 12.57
C SER A 166 6.99 -5.95 13.06
N LEU A 167 6.44 -6.78 12.18
CA LEU A 167 6.00 -8.13 12.55
C LEU A 167 7.03 -9.20 12.26
N GLY A 168 8.23 -8.81 11.82
CA GLY A 168 9.26 -9.76 11.50
C GLY A 168 9.34 -10.16 10.04
N GLY A 169 8.52 -9.57 9.17
CA GLY A 169 8.55 -9.94 7.77
C GLY A 169 9.80 -9.47 7.06
N ALA A 170 10.04 -10.08 5.91
CA ALA A 170 11.21 -9.72 5.11
C ALA A 170 10.92 -8.47 4.29
N LEU A 171 12.00 -7.75 3.94
CA LEU A 171 11.90 -6.63 3.02
C LEU A 171 12.11 -7.16 1.61
N MET A 172 11.15 -6.92 0.73
CA MET A 172 11.21 -7.41 -0.64
C MET A 172 11.36 -6.24 -1.60
N HIS A 173 12.28 -6.38 -2.55
CA HIS A 173 12.40 -5.36 -3.58
C HIS A 173 11.11 -5.30 -4.40
N PRO A 174 10.59 -4.09 -4.67
CA PRO A 174 9.25 -3.99 -5.27
C PRO A 174 9.16 -4.49 -6.70
N SER A 175 10.28 -4.84 -7.35
CA SER A 175 10.18 -5.42 -8.68
C SER A 175 9.68 -6.86 -8.64
N ILE A 176 9.58 -7.46 -7.47
CA ILE A 176 9.12 -8.84 -7.31
C ILE A 176 7.60 -8.84 -7.19
N GLU A 177 6.92 -9.47 -8.15
CA GLU A 177 5.47 -9.56 -8.12
C GLU A 177 5.09 -10.63 -7.11
N ALA A 178 4.82 -10.21 -5.88
CA ALA A 178 4.54 -11.16 -4.80
C ALA A 178 3.78 -10.46 -3.68
N MET A 179 3.38 -11.26 -2.69
CA MET A 179 2.77 -10.76 -1.47
C MET A 179 3.31 -11.59 -0.31
N GLN A 180 3.31 -11.00 0.89
CA GLN A 180 3.93 -11.64 2.05
C GLN A 180 2.95 -11.68 3.21
N LEU A 181 2.77 -12.86 3.79
CA LEU A 181 1.87 -13.07 4.92
C LEU A 181 2.69 -13.20 6.20
N THR A 182 2.37 -12.38 7.19
CA THR A 182 3.05 -12.43 8.48
C THR A 182 2.03 -12.58 9.60
N GLU A 183 2.46 -13.22 10.68
CA GLU A 183 1.61 -13.52 11.82
C GLU A 183 1.73 -12.45 12.89
N MET A 184 0.64 -12.23 13.62
CA MET A 184 0.64 -11.38 14.80
C MET A 184 0.38 -12.26 16.02
N ALA A 185 1.39 -12.39 16.88
CA ALA A 185 1.29 -13.06 18.18
C ALA A 185 0.52 -14.37 18.09
N SER A 186 1.09 -15.33 17.37
CA SER A 186 0.45 -16.62 17.20
C SER A 186 0.65 -17.50 18.43
N ILE A 187 -0.35 -18.33 18.71
CA ILE A 187 -0.29 -19.29 19.80
C ILE A 187 0.24 -20.62 19.25
N ASN A 188 1.33 -21.11 19.83
CA ASN A 188 1.93 -22.36 19.41
C ASN A 188 2.21 -23.21 20.64
N ASN A 189 1.55 -24.36 20.72
CA ASN A 189 1.79 -25.33 21.78
C ASN A 189 1.65 -26.74 21.17
N ARG A 190 1.44 -27.73 22.04
CA ARG A 190 1.29 -29.11 21.55
C ARG A 190 0.03 -29.27 20.71
N VAL A 191 -0.99 -28.47 20.97
CA VAL A 191 -2.28 -28.61 20.30
C VAL A 191 -2.37 -27.74 19.05
N TYR A 192 -1.97 -26.47 19.17
CA TYR A 192 -2.13 -25.50 18.11
C TYR A 192 -0.78 -25.19 17.47
N ARG A 193 -0.71 -25.33 16.14
CA ARG A 193 0.54 -25.17 15.42
C ARG A 193 0.33 -24.25 14.23
N THR A 194 1.14 -23.18 14.15
CA THR A 194 1.24 -22.34 12.98
C THR A 194 2.65 -22.45 12.42
N ILE A 195 2.84 -21.90 11.22
CA ILE A 195 4.15 -22.03 10.57
C ILE A 195 5.16 -21.08 11.19
N GLY A 196 4.70 -19.96 11.75
CA GLY A 196 5.59 -18.99 12.37
C GLY A 196 6.26 -18.09 11.35
N SER A 197 7.01 -18.68 10.43
CA SER A 197 7.77 -17.92 9.45
C SER A 197 6.84 -17.08 8.57
N PRO A 198 7.29 -15.93 8.10
CA PRO A 198 6.58 -15.23 7.03
C PRO A 198 6.52 -16.11 5.79
N LEU A 199 5.46 -15.92 4.99
CA LEU A 199 5.27 -16.65 3.75
C LEU A 199 5.19 -15.68 2.60
N VAL A 200 5.94 -15.96 1.54
CA VAL A 200 5.97 -15.11 0.35
C VAL A 200 5.35 -15.90 -0.81
N PHE A 201 4.30 -15.34 -1.40
CA PHE A 201 3.48 -15.95 -2.43
C PHE A 201 3.66 -15.22 -3.76
N PRO A 202 3.81 -15.94 -4.86
CA PRO A 202 3.92 -15.31 -6.18
C PRO A 202 2.55 -14.86 -6.68
N LYS A 203 2.55 -14.24 -7.85
CA LYS A 203 1.30 -13.98 -8.55
C LYS A 203 0.54 -15.28 -8.75
N HIS A 204 -0.79 -15.15 -8.87
CA HIS A 204 -1.80 -16.17 -9.14
C HIS A 204 -1.97 -17.17 -7.99
N HIS A 205 -1.18 -17.09 -6.91
CA HIS A 205 -1.49 -17.86 -5.72
C HIS A 205 -2.56 -17.14 -4.91
N VAL A 206 -3.58 -17.88 -4.49
CA VAL A 206 -4.69 -17.33 -3.73
C VAL A 206 -4.58 -17.82 -2.29
N VAL A 207 -4.57 -16.89 -1.35
CA VAL A 207 -4.57 -17.21 0.07
C VAL A 207 -5.94 -16.87 0.64
N SER A 208 -6.63 -17.87 1.18
CA SER A 208 -8.01 -17.73 1.63
C SER A 208 -8.06 -17.94 3.13
N LEU A 209 -8.72 -17.01 3.83
CA LEU A 209 -8.98 -17.13 5.26
C LEU A 209 -10.44 -17.50 5.46
N GLN A 210 -10.68 -18.54 6.26
CA GLN A 210 -12.04 -19.01 6.48
C GLN A 210 -12.31 -19.13 7.97
N PRO A 211 -13.43 -18.57 8.45
CA PRO A 211 -13.70 -18.60 9.89
C PRO A 211 -13.98 -20.00 10.40
N VAL A 212 -13.59 -20.23 11.65
CA VAL A 212 -13.87 -21.49 12.33
C VAL A 212 -15.08 -21.37 13.25
N ASN A 213 -15.20 -20.26 13.96
CA ASN A 213 -16.37 -20.01 14.79
C ASN A 213 -16.92 -18.60 14.56
N ASP A 214 -16.24 -17.59 15.08
CA ASP A 214 -16.74 -16.23 14.96
C ASP A 214 -16.64 -15.75 13.51
N LYS A 215 -17.67 -15.01 13.08
CA LYS A 215 -17.78 -14.56 11.70
C LYS A 215 -17.59 -13.06 11.54
N ASP A 216 -17.15 -12.36 12.59
CA ASP A 216 -16.97 -10.92 12.57
C ASP A 216 -15.49 -10.61 12.72
N PHE A 217 -14.95 -9.79 11.80
CA PHE A 217 -13.54 -9.47 11.79
C PHE A 217 -13.33 -7.99 11.51
N GLN A 218 -12.31 -7.43 12.14
CA GLN A 218 -11.85 -6.07 11.83
C GLN A 218 -10.79 -6.18 10.74
N ILE A 219 -11.10 -5.65 9.57
CA ILE A 219 -10.23 -5.77 8.40
C ILE A 219 -9.72 -4.39 8.03
N SER A 220 -8.40 -4.25 7.93
CA SER A 220 -7.79 -3.00 7.51
C SER A 220 -7.27 -3.14 6.08
N VAL A 221 -7.34 -2.04 5.34
CA VAL A 221 -6.71 -1.93 4.03
C VAL A 221 -5.97 -0.60 4.04
N ASP A 222 -4.64 -0.66 4.15
CA ASP A 222 -3.82 0.53 4.38
C ASP A 222 -4.34 1.28 5.61
N HIS A 223 -4.83 2.51 5.42
CA HIS A 223 -5.34 3.27 6.57
C HIS A 223 -6.77 2.86 6.93
N LEU A 224 -7.58 2.52 5.92
CA LEU A 224 -8.98 2.19 6.15
C LEU A 224 -9.13 0.93 6.98
N SER A 225 -10.03 0.97 7.97
CA SER A 225 -10.29 -0.17 8.85
C SER A 225 -11.78 -0.25 9.10
N ILE A 226 -12.39 -1.36 8.66
CA ILE A 226 -13.84 -1.54 8.74
C ILE A 226 -14.14 -2.84 9.47
N LEU A 227 -15.15 -2.83 10.33
CA LEU A 227 -15.64 -4.05 10.94
C LEU A 227 -16.63 -4.71 9.97
N HIS A 228 -16.27 -5.90 9.49
CA HIS A 228 -17.13 -6.67 8.60
C HIS A 228 -17.85 -7.75 9.38
N ARG A 229 -19.15 -7.90 9.12
CA ARG A 229 -19.96 -8.90 9.79
C ARG A 229 -20.42 -9.96 8.79
N ASP A 230 -20.60 -11.18 9.29
CA ASP A 230 -21.11 -12.30 8.50
C ASP A 230 -20.26 -12.52 7.23
N VAL A 231 -18.95 -12.63 7.43
CA VAL A 231 -18.03 -12.90 6.33
C VAL A 231 -17.83 -14.41 6.23
N GLN A 232 -17.86 -14.92 5.01
CA GLN A 232 -17.60 -16.33 4.76
C GLN A 232 -16.17 -16.61 4.34
N GLU A 233 -15.46 -15.61 3.80
CA GLU A 233 -14.13 -15.82 3.28
C GLU A 233 -13.42 -14.49 3.11
N ILE A 234 -12.14 -14.46 3.43
CA ILE A 234 -11.24 -13.37 3.08
C ILE A 234 -10.21 -13.94 2.10
N ARG A 235 -10.01 -13.24 0.98
CA ARG A 235 -9.28 -13.77 -0.17
C ARG A 235 -8.19 -12.80 -0.58
N TYR A 236 -6.93 -13.27 -0.58
CA TYR A 236 -5.78 -12.45 -0.92
C TYR A 236 -5.10 -12.97 -2.18
N GLU A 237 -4.70 -12.06 -3.06
CA GLU A 237 -3.88 -12.40 -4.22
C GLU A 237 -3.25 -11.13 -4.75
N VAL A 238 -2.15 -11.29 -5.49
CA VAL A 238 -1.50 -10.14 -6.11
C VAL A 238 -2.44 -9.57 -7.16
N SER A 239 -2.64 -8.26 -7.11
CA SER A 239 -3.58 -7.61 -8.01
C SER A 239 -3.07 -7.63 -9.44
N ALA A 240 -4.00 -7.58 -10.39
CA ALA A 240 -3.62 -7.36 -11.78
C ALA A 240 -3.23 -5.91 -12.03
N LYS A 241 -3.66 -5.00 -11.16
CA LYS A 241 -3.40 -3.58 -11.33
C LYS A 241 -2.11 -3.20 -10.61
N LYS A 242 -1.46 -2.15 -11.13
CA LYS A 242 -0.21 -1.65 -10.56
C LYS A 242 -0.29 -0.14 -10.44
N ILE A 243 0.49 0.41 -9.50
CA ILE A 243 0.61 1.85 -9.32
C ILE A 243 1.83 2.32 -10.09
N HIS A 244 1.69 3.42 -10.81
CA HIS A 244 2.75 3.96 -11.64
C HIS A 244 3.32 5.22 -10.99
N PHE A 245 4.65 5.27 -10.88
CA PHE A 245 5.35 6.42 -10.34
C PHE A 245 6.07 7.15 -11.46
N ALA A 246 5.94 8.47 -11.49
CA ALA A 246 6.79 9.29 -12.32
C ALA A 246 8.20 9.27 -11.77
N ARG A 247 9.16 8.82 -12.57
CA ARG A 247 10.55 8.71 -12.16
C ARG A 247 11.36 9.82 -12.82
N PHE A 248 11.96 10.68 -12.01
CA PHE A 248 12.73 11.78 -12.55
C PHE A 248 14.20 11.76 -12.16
N ARG A 249 14.63 10.78 -11.36
CA ARG A 249 16.05 10.50 -11.15
C ARG A 249 16.19 9.15 -10.48
N SER A 250 17.43 8.77 -10.21
CA SER A 250 17.74 7.49 -9.61
C SER A 250 17.69 7.59 -8.09
N PHE A 251 16.77 6.86 -7.46
CA PHE A 251 16.71 6.72 -6.02
C PHE A 251 16.38 5.27 -5.72
N PRO A 252 17.40 4.41 -5.66
CA PRO A 252 17.15 2.96 -5.54
C PRO A 252 16.39 2.61 -4.28
N PHE A 253 15.55 1.57 -4.39
CA PHE A 253 14.78 1.11 -3.24
C PHE A 253 15.67 0.77 -2.06
N TRP A 254 16.78 0.08 -2.32
CA TRP A 254 17.66 -0.30 -1.21
C TRP A 254 18.35 0.91 -0.59
N ARG A 255 18.63 1.94 -1.39
CA ARG A 255 19.11 3.20 -0.83
C ARG A 255 18.02 3.85 0.00
N ARG A 256 16.78 3.79 -0.45
CA ARG A 256 15.65 4.32 0.32
C ARG A 256 15.48 3.56 1.63
N VAL A 257 15.73 2.25 1.61
CA VAL A 257 15.74 1.47 2.84
C VAL A 257 16.88 1.89 3.75
N HIS A 258 18.08 2.08 3.18
CA HIS A 258 19.23 2.50 3.96
C HIS A 258 18.96 3.86 4.62
N ASP A 259 18.48 4.83 3.84
CA ASP A 259 18.26 6.17 4.37
C ASP A 259 17.22 6.17 5.49
N SER A 260 16.25 5.26 5.45
CA SER A 260 15.17 5.27 6.41
C SER A 260 15.50 4.53 7.70
N PHE A 261 16.26 3.44 7.64
CA PHE A 261 16.46 2.59 8.80
C PHE A 261 17.89 2.54 9.32
N ILE A 262 18.89 2.86 8.50
CA ILE A 262 20.29 2.77 8.93
C ILE A 262 20.82 4.14 9.35
N GLU A 263 20.76 5.12 8.47
CA GLU A 263 21.11 6.51 8.78
C GLU A 263 20.95 7.39 7.54
N ASP A 264 20.62 8.66 7.74
CA ASP A 264 20.58 9.61 6.64
C ASP A 264 20.93 11.01 7.15
C1 CIT B . 15.43 0.26 -7.89
O1 CIT B . 15.18 0.12 -6.67
O2 CIT B . 16.57 -0.06 -8.30
C2 CIT B . 14.40 0.81 -8.86
C3 CIT B . 13.73 2.10 -8.38
O7 CIT B . 14.75 3.03 -7.95
C4 CIT B . 12.91 2.74 -9.49
C5 CIT B . 13.83 3.54 -10.38
O3 CIT B . 14.05 3.16 -11.55
O4 CIT B . 14.35 4.60 -9.98
C6 CIT B . 12.82 1.79 -7.19
O5 CIT B . 11.77 1.14 -7.35
O6 CIT B . 13.12 2.18 -6.04
N12 JYB C . 7.27 1.92 4.49
C13 JYB C . 6.03 2.20 3.99
C01 JYB C . 1.25 5.85 5.86
C02 JYB C . 2.30 5.19 5.67
C03 JYB C . 3.48 4.46 5.46
C05 JYB C . 5.14 3.11 4.68
C06 JYB C . 5.64 3.68 5.91
C08 JYB C . 4.50 5.33 7.56
C09 JYB C . 3.93 4.69 8.81
C11 JYB C . 7.63 2.52 5.67
N04 JYB C . 3.82 3.62 4.44
N07 JYB C . 4.59 4.49 6.35
N10 JYB C . 6.90 3.38 6.42
N14 JYB C . 5.67 1.60 2.81
#